data_5Y27
#
_entry.id   5Y27
#
_cell.length_a   86.291
_cell.length_b   86.291
_cell.length_c   59.710
_cell.angle_alpha   90.00
_cell.angle_beta   90.00
_cell.angle_gamma   120.00
#
_symmetry.space_group_name_H-M   'P 65'
#
loop_
_entity.id
_entity.type
_entity.pdbx_description
1 polymer 'DNA polymerase epsilon subunit D'
2 polymer 'Putative transcription factor C16C4.22'
3 non-polymer GLYCEROL
4 water water
#
loop_
_entity_poly.entity_id
_entity_poly.type
_entity_poly.pdbx_seq_one_letter_code
_entity_poly.pdbx_strand_id
1 'polypeptide(L)'
;(MSE)GNQDKSKETSELDDLALPRSII(MSE)RLVKGVLPEKSLVQKEALKA(MSE)INSATLFVSFLTSASGEIATNNN
RKIL(MSE)PQDVLNALDEIEYPEFSKTLKKHLEAYELALKEKRLKLPNVSDVDNRKKAKIDAHDTTPLDEEKDELEEER
IAEDIAQNEVEQNIDDVEDLEEVNDTLDANAESPQIETIHLTDATGNPIEDSSESDSEESLQLNDSSAAAENLYFQGLED
YKDDDDKHHHHHHHHHH
;
A
2 'polypeptide(L)'
;GPLGS(MSE)EKTYGKTVLPLSRVKRIIKQDEDVHYCSNASALLISVATELFVEKLATEAYQLAKLQKRKGIRYRDVEDV
VRKDDQFEFLSDLFSI
;
B
#
loop_
_chem_comp.id
_chem_comp.type
_chem_comp.name
_chem_comp.formula
GOL non-polymer GLYCEROL 'C3 H8 O3'
#
# COMPACT_ATOMS: atom_id res chain seq x y z
N THR A 10 -14.96 6.01 10.50
CA THR A 10 -16.06 6.26 9.58
C THR A 10 -16.65 4.95 9.08
N SER A 11 -17.90 5.02 8.63
CA SER A 11 -18.53 3.91 7.93
C SER A 11 -17.93 3.82 6.54
N GLU A 12 -17.39 4.94 6.08
CA GLU A 12 -16.76 5.03 4.77
C GLU A 12 -15.47 4.21 4.71
N LEU A 13 -14.65 4.34 5.75
CA LEU A 13 -13.42 3.55 5.86
C LEU A 13 -13.75 2.07 5.89
N ASP A 14 -14.70 1.69 6.73
CA ASP A 14 -15.11 0.31 6.81
C ASP A 14 -15.66 -0.21 5.48
N ASP A 15 -16.42 0.61 4.76
CA ASP A 15 -16.96 0.15 3.47
C ASP A 15 -15.87 -0.05 2.42
N LEU A 16 -14.82 0.75 2.51
CA LEU A 16 -13.75 0.71 1.51
C LEU A 16 -12.67 -0.31 1.84
N ALA A 17 -12.66 -0.79 3.08
CA ALA A 17 -11.54 -1.57 3.60
C ALA A 17 -11.29 -2.82 2.76
N LEU A 18 -10.01 -3.08 2.50
CA LEU A 18 -9.57 -4.27 1.81
C LEU A 18 -9.73 -5.48 2.72
N PRO A 19 -9.82 -6.69 2.15
CA PRO A 19 -10.16 -7.88 2.94
C PRO A 19 -9.18 -8.14 4.08
N ARG A 20 -9.73 -8.32 5.28
CA ARG A 20 -8.92 -8.44 6.48
C ARG A 20 -7.90 -9.57 6.40
N SER A 21 -8.25 -10.66 5.73
CA SER A 21 -7.36 -11.82 5.64
C SER A 21 -6.17 -11.63 4.70
N ILE A 22 -6.39 -10.91 3.60
CA ILE A 22 -5.31 -10.65 2.65
C ILE A 22 -4.32 -9.65 3.26
N ILE A 23 -4.84 -8.66 3.98
CA ILE A 23 -3.98 -7.73 4.67
C ILE A 23 -3.21 -8.45 5.79
N MSE A 24 -3.90 -9.35 6.50
CA MSE A 24 -3.24 -10.10 7.57
C MSE A 24 -2.04 -10.88 7.06
O MSE A 24 -1.00 -10.91 7.70
CB MSE A 24 -4.21 -11.05 8.27
CG MSE A 24 -3.49 -11.85 9.36
SE MSE A 24 -3.00 -10.63 10.83
CE MSE A 24 -4.22 -11.37 12.20
N ARG A 25 -2.23 -11.55 5.92
CA ARG A 25 -1.17 -12.33 5.30
C ARG A 25 0.04 -11.47 4.90
N LEU A 26 -0.23 -10.26 4.40
CA LEU A 26 0.84 -9.32 4.09
C LEU A 26 1.59 -8.94 5.36
N VAL A 27 0.85 -8.67 6.42
CA VAL A 27 1.49 -8.29 7.69
C VAL A 27 2.35 -9.44 8.19
N LYS A 28 1.77 -10.63 8.29
CA LYS A 28 2.51 -11.73 8.86
C LYS A 28 3.65 -12.14 7.96
N GLY A 29 3.54 -11.85 6.67
CA GLY A 29 4.60 -12.18 5.72
C GLY A 29 5.97 -11.58 6.03
N VAL A 30 6.00 -10.48 6.78
CA VAL A 30 7.27 -9.85 7.09
C VAL A 30 7.63 -9.97 8.57
N LEU A 31 6.92 -10.83 9.29
CA LEU A 31 7.17 -11.04 10.72
C LEU A 31 7.67 -12.47 10.94
N PRO A 32 8.40 -12.70 12.05
CA PRO A 32 8.85 -14.06 12.39
C PRO A 32 7.65 -15.00 12.54
N GLU A 33 7.84 -16.30 12.28
CA GLU A 33 6.79 -17.30 12.50
C GLU A 33 6.15 -17.12 13.86
N LYS A 34 4.83 -17.29 13.92
CA LYS A 34 4.08 -17.29 15.19
C LYS A 34 4.01 -15.93 15.89
N SER A 35 4.38 -14.85 15.21
CA SER A 35 4.15 -13.52 15.75
C SER A 35 2.66 -13.23 15.75
N LEU A 36 2.16 -12.58 16.77
CA LEU A 36 0.75 -12.25 16.69
C LEU A 36 0.47 -10.78 16.42
N VAL A 37 -0.74 -10.52 15.97
CA VAL A 37 -1.16 -9.20 15.56
C VAL A 37 -2.55 -9.02 16.11
N GLN A 38 -2.72 -8.05 17.00
CA GLN A 38 -4.05 -7.92 17.57
C GLN A 38 -4.98 -7.08 16.74
N LYS A 39 -6.24 -7.17 17.15
CA LYS A 39 -7.36 -6.67 16.39
C LYS A 39 -7.20 -5.19 16.13
N GLU A 40 -7.07 -4.38 17.19
CA GLU A 40 -6.95 -2.93 17.04
C GLU A 40 -5.80 -2.54 16.10
N ALA A 41 -4.73 -3.35 16.09
CA ALA A 41 -3.57 -3.09 15.26
C ALA A 41 -3.82 -3.46 13.80
N LEU A 42 -4.37 -4.64 13.56
CA LEU A 42 -4.68 -5.06 12.20
C LEU A 42 -5.65 -4.08 11.55
N LYS A 43 -6.64 -3.64 12.32
CA LYS A 43 -7.64 -2.67 11.88
C LYS A 43 -6.99 -1.37 11.48
N ALA A 44 -6.03 -0.92 12.29
CA ALA A 44 -5.34 0.33 12.04
C ALA A 44 -4.57 0.27 10.74
N MSE A 45 -4.02 -0.91 10.44
CA MSE A 45 -3.21 -1.08 9.24
C MSE A 45 -4.06 -1.27 8.00
O MSE A 45 -3.69 -0.81 6.93
CB MSE A 45 -2.26 -2.25 9.43
CG MSE A 45 -1.20 -1.92 10.46
SE MSE A 45 0.15 -3.29 10.62
CE MSE A 45 -0.85 -4.63 11.68
N ILE A 46 -5.19 -1.96 8.14
CA ILE A 46 -6.17 -2.05 7.06
C ILE A 46 -6.63 -0.65 6.68
N ASN A 47 -6.94 0.18 7.67
CA ASN A 47 -7.39 1.53 7.39
C ASN A 47 -6.26 2.41 6.87
N SER A 48 -5.04 2.14 7.31
CA SER A 48 -3.89 2.89 6.83
C SER A 48 -3.68 2.58 5.35
N ALA A 49 -3.93 1.33 4.97
CA ALA A 49 -3.74 0.90 3.58
C ALA A 49 -4.70 1.67 2.68
N THR A 50 -5.94 1.81 3.12
CA THR A 50 -6.91 2.59 2.37
C THR A 50 -6.42 4.02 2.17
N LEU A 51 -5.90 4.65 3.22
CA LEU A 51 -5.42 6.04 3.10
C LEU A 51 -4.19 6.11 2.22
N PHE A 52 -3.40 5.04 2.19
CA PHE A 52 -2.25 5.04 1.31
C PHE A 52 -2.68 4.98 -0.17
N VAL A 53 -3.69 4.17 -0.48
CA VAL A 53 -4.20 4.11 -1.86
C VAL A 53 -4.57 5.54 -2.30
N SER A 54 -5.37 6.20 -1.48
CA SER A 54 -5.82 7.58 -1.76
C SER A 54 -4.67 8.57 -1.87
N PHE A 55 -3.70 8.45 -0.97
CA PHE A 55 -2.52 9.32 -0.93
C PHE A 55 -1.71 9.23 -2.23
N LEU A 56 -1.33 8.01 -2.61
CA LEU A 56 -0.58 7.79 -3.84
C LEU A 56 -1.41 8.19 -5.08
N THR A 57 -2.69 7.87 -5.04
CA THR A 57 -3.57 8.18 -6.16
C THR A 57 -3.65 9.67 -6.42
N SER A 58 -3.90 10.43 -5.36
CA SER A 58 -3.94 11.88 -5.46
C SER A 58 -2.64 12.47 -6.02
N ALA A 59 -1.49 12.03 -5.52
CA ALA A 59 -0.22 12.57 -5.99
C ALA A 59 0.02 12.23 -7.46
N SER A 60 -0.40 11.02 -7.85
CA SER A 60 -0.31 10.57 -9.24
C SER A 60 -1.22 11.37 -10.16
N GLY A 61 -2.45 11.64 -9.70
CA GLY A 61 -3.39 12.42 -10.50
C GLY A 61 -2.91 13.83 -10.74
N GLU A 62 -2.23 14.41 -9.75
CA GLU A 62 -1.61 15.74 -9.89
C GLU A 62 -0.59 15.80 -11.00
N ILE A 63 0.25 14.77 -11.07
CA ILE A 63 1.26 14.71 -12.11
C ILE A 63 0.61 14.53 -13.47
N ALA A 64 -0.44 13.71 -13.56
CA ALA A 64 -1.22 13.61 -14.79
C ALA A 64 -1.74 15.00 -15.19
N THR A 65 -2.30 15.71 -14.22
CA THR A 65 -2.87 17.03 -14.46
C THR A 65 -1.80 18.05 -14.87
N ASN A 66 -0.67 18.01 -14.18
CA ASN A 66 0.44 18.93 -14.48
C ASN A 66 1.01 18.65 -15.86
N ASN A 67 0.82 17.43 -16.35
CA ASN A 67 1.19 17.09 -17.72
C ASN A 67 0.02 17.23 -18.70
N ASN A 68 -1.00 17.96 -18.28
CA ASN A 68 -2.20 18.18 -19.11
C ASN A 68 -2.75 16.88 -19.70
N ARG A 69 -2.82 15.84 -18.88
CA ARG A 69 -3.35 14.56 -19.30
C ARG A 69 -4.55 14.19 -18.42
N LYS A 70 -5.58 13.59 -19.00
CA LYS A 70 -6.74 13.18 -18.21
C LYS A 70 -6.53 11.76 -17.67
N ILE A 71 -5.72 10.97 -18.36
CA ILE A 71 -5.45 9.60 -17.91
C ILE A 71 -4.29 9.56 -16.94
N LEU A 72 -4.54 8.95 -15.78
CA LEU A 72 -3.51 8.73 -14.79
C LEU A 72 -2.74 7.49 -15.25
N MSE A 73 -1.46 7.68 -15.61
CA MSE A 73 -0.65 6.67 -16.28
C MSE A 73 0.38 6.04 -15.35
O MSE A 73 0.72 6.63 -14.33
CB MSE A 73 0.04 7.27 -17.51
CG MSE A 73 -0.94 7.74 -18.59
SE MSE A 73 -1.70 6.25 -19.55
CE MSE A 73 -0.13 5.71 -20.58
N PRO A 74 0.89 4.84 -15.70
CA PRO A 74 1.87 4.20 -14.81
C PRO A 74 3.06 5.08 -14.49
N GLN A 75 3.55 5.88 -15.44
CA GLN A 75 4.70 6.75 -15.12
C GLN A 75 4.32 7.81 -14.10
N ASP A 76 3.04 8.19 -14.02
CA ASP A 76 2.61 9.15 -13.00
C ASP A 76 2.69 8.53 -11.61
N VAL A 77 2.35 7.26 -11.50
CA VAL A 77 2.50 6.56 -10.22
C VAL A 77 3.97 6.48 -9.81
N LEU A 78 4.83 6.07 -10.74
CA LEU A 78 6.26 5.99 -10.46
C LEU A 78 6.84 7.34 -10.04
N ASN A 79 6.51 8.40 -10.77
CA ASN A 79 6.94 9.74 -10.37
C ASN A 79 6.31 10.21 -9.06
N ALA A 80 5.09 9.76 -8.78
CA ALA A 80 4.45 10.14 -7.51
C ALA A 80 5.17 9.57 -6.29
N LEU A 81 5.90 8.47 -6.47
CA LEU A 81 6.64 7.89 -5.35
C LEU A 81 7.65 8.89 -4.84
N ASP A 82 8.25 9.65 -5.75
CA ASP A 82 9.21 10.67 -5.32
C ASP A 82 8.50 11.79 -4.57
N GLU A 83 7.32 12.16 -5.03
CA GLU A 83 6.60 13.27 -4.41
C GLU A 83 6.11 12.90 -3.01
N ILE A 84 5.67 11.66 -2.81
CA ILE A 84 5.18 11.23 -1.49
C ILE A 84 6.30 10.65 -0.64
N GLU A 85 7.51 10.67 -1.17
CA GLU A 85 8.72 10.25 -0.45
C GLU A 85 8.70 8.77 -0.08
N TYR A 86 8.29 7.95 -1.04
CA TYR A 86 8.48 6.50 -0.97
C TYR A 86 9.30 6.01 -2.16
N PRO A 87 10.46 6.66 -2.44
CA PRO A 87 11.19 6.24 -3.63
C PRO A 87 11.74 4.82 -3.51
N GLU A 88 11.80 4.27 -2.30
CA GLU A 88 12.28 2.90 -2.13
C GLU A 88 11.34 1.84 -2.73
N PHE A 89 10.15 2.25 -3.17
CA PHE A 89 9.21 1.32 -3.85
C PHE A 89 9.43 1.28 -5.36
N SER A 90 10.24 2.21 -5.87
CA SER A 90 10.29 2.43 -7.31
C SER A 90 10.84 1.24 -8.12
N LYS A 91 11.96 0.67 -7.67
CA LYS A 91 12.57 -0.44 -8.39
C LYS A 91 11.58 -1.61 -8.48
N THR A 92 10.88 -1.90 -7.37
CA THR A 92 9.93 -3.00 -7.36
C THR A 92 8.75 -2.71 -8.32
N LEU A 93 8.19 -1.50 -8.26
CA LEU A 93 7.09 -1.15 -9.16
C LEU A 93 7.48 -1.22 -10.65
N LYS A 94 8.71 -0.81 -10.98
CA LYS A 94 9.16 -0.87 -12.37
C LYS A 94 9.23 -2.30 -12.86
N LYS A 95 9.65 -3.19 -11.98
CA LYS A 95 9.68 -4.62 -12.30
C LYS A 95 8.29 -5.16 -12.58
N HIS A 96 7.33 -4.76 -11.75
CA HIS A 96 5.93 -5.16 -11.95
C HIS A 96 5.39 -4.60 -13.28
N LEU A 97 5.69 -3.36 -13.57
CA LEU A 97 5.18 -2.75 -14.80
C LEU A 97 5.69 -3.52 -16.03
N GLU A 98 6.99 -3.79 -16.05
CA GLU A 98 7.61 -4.53 -17.15
C GLU A 98 6.95 -5.89 -17.35
N ALA A 99 6.75 -6.61 -16.25
CA ALA A 99 6.10 -7.92 -16.27
C ALA A 99 4.63 -7.84 -16.67
N TYR A 100 3.94 -6.83 -16.17
CA TYR A 100 2.55 -6.57 -16.52
C TYR A 100 2.36 -6.40 -18.03
N GLU A 101 3.16 -5.51 -18.61
CA GLU A 101 3.09 -5.27 -20.03
C GLU A 101 3.47 -6.50 -20.82
N LEU A 102 4.44 -7.26 -20.31
CA LEU A 102 4.87 -8.48 -20.99
C LEU A 102 3.75 -9.52 -21.00
N ALA A 103 3.08 -9.70 -19.87
CA ALA A 103 1.98 -10.65 -19.78
C ALA A 103 0.80 -10.23 -20.65
N LEU A 104 0.61 -8.92 -20.75
CA LEU A 104 -0.52 -8.35 -21.50
C LEU A 104 -0.45 -8.74 -22.97
N LYS A 105 0.73 -8.57 -23.58
CA LYS A 105 0.93 -8.93 -24.98
C LYS A 105 0.66 -10.42 -25.17
N GLU A 106 1.20 -11.23 -24.28
CA GLU A 106 0.97 -12.68 -24.29
C GLU A 106 -0.52 -13.01 -24.15
N LYS A 107 -1.18 -12.44 -23.15
CA LYS A 107 -2.56 -12.79 -22.88
C LYS A 107 -3.54 -11.88 -23.62
N GLY B 1 8.63 -22.58 -7.59
CA GLY B 1 9.11 -23.95 -7.54
C GLY B 1 9.03 -24.54 -6.14
N PRO B 2 8.55 -25.78 -6.06
CA PRO B 2 8.30 -26.43 -4.76
C PRO B 2 9.59 -26.85 -4.07
N LEU B 3 10.43 -27.61 -4.78
CA LEU B 3 11.67 -28.09 -4.20
C LEU B 3 12.81 -27.16 -4.52
N GLY B 4 12.49 -26.02 -5.12
CA GLY B 4 13.45 -25.00 -5.41
C GLY B 4 13.17 -23.75 -4.61
N SER B 5 13.89 -22.68 -4.92
CA SER B 5 13.74 -21.41 -4.21
C SER B 5 12.41 -20.74 -4.55
N MSE B 6 11.99 -19.77 -3.75
CA MSE B 6 10.72 -19.10 -4.04
C MSE B 6 10.82 -18.23 -5.29
O MSE B 6 11.72 -17.42 -5.42
CB MSE B 6 10.26 -18.27 -2.85
CG MSE B 6 8.83 -17.74 -2.98
SE MSE B 6 7.57 -19.19 -3.30
CE MSE B 6 7.82 -20.17 -1.64
N GLU B 7 9.88 -18.39 -6.22
CA GLU B 7 9.87 -17.55 -7.41
C GLU B 7 8.60 -16.68 -7.50
N LYS B 8 8.79 -15.36 -7.42
CA LYS B 8 7.65 -14.46 -7.48
C LYS B 8 7.19 -14.25 -8.92
N THR B 9 5.88 -14.22 -9.15
CA THR B 9 5.37 -13.75 -10.42
C THR B 9 5.08 -12.26 -10.32
N TYR B 10 5.84 -11.46 -11.06
CA TYR B 10 5.65 -10.02 -11.07
C TYR B 10 4.52 -9.64 -12.02
N GLY B 11 4.01 -8.41 -11.89
CA GLY B 11 2.91 -7.95 -12.70
C GLY B 11 1.53 -8.31 -12.17
N LYS B 12 1.49 -8.81 -10.93
CA LYS B 12 0.23 -9.21 -10.31
C LYS B 12 0.14 -8.69 -8.89
N THR B 13 -1.07 -8.38 -8.43
CA THR B 13 -1.23 -8.01 -7.03
C THR B 13 -2.02 -9.10 -6.30
N VAL B 14 -1.79 -9.24 -5.00
CA VAL B 14 -2.60 -10.14 -4.17
C VAL B 14 -3.89 -9.46 -3.75
N LEU B 15 -4.01 -8.17 -4.04
CA LEU B 15 -5.21 -7.42 -3.65
C LEU B 15 -6.31 -7.64 -4.69
N PRO B 16 -7.58 -7.50 -4.28
CA PRO B 16 -8.67 -7.54 -5.26
C PRO B 16 -8.75 -6.21 -6.01
N LEU B 17 -8.43 -6.21 -7.30
CA LEU B 17 -8.32 -4.95 -8.04
C LEU B 17 -9.60 -4.11 -8.00
N SER B 18 -10.76 -4.76 -7.97
CA SER B 18 -12.03 -4.03 -7.99
C SER B 18 -12.17 -3.15 -6.75
N ARG B 19 -11.69 -3.67 -5.62
CA ARG B 19 -11.73 -2.96 -4.35
C ARG B 19 -10.71 -1.81 -4.32
N VAL B 20 -9.54 -2.02 -4.90
CA VAL B 20 -8.56 -0.94 -4.96
C VAL B 20 -9.12 0.18 -5.86
N LYS B 21 -9.64 -0.19 -7.02
CA LYS B 21 -10.26 0.78 -7.94
C LYS B 21 -11.41 1.56 -7.31
N ARG B 22 -12.17 0.90 -6.45
CA ARG B 22 -13.26 1.56 -5.73
C ARG B 22 -12.73 2.70 -4.86
N ILE B 23 -11.61 2.47 -4.19
CA ILE B 23 -10.97 3.54 -3.42
C ILE B 23 -10.42 4.62 -4.36
N ILE B 24 -9.76 4.20 -5.44
CA ILE B 24 -9.20 5.14 -6.41
C ILE B 24 -10.31 6.05 -6.94
N LYS B 25 -11.48 5.47 -7.20
CA LYS B 25 -12.59 6.21 -7.80
C LYS B 25 -13.15 7.31 -6.91
N GLN B 26 -12.86 7.26 -5.61
CA GLN B 26 -13.30 8.31 -4.70
C GLN B 26 -12.57 9.64 -4.93
N ASP B 27 -11.44 9.61 -5.61
CA ASP B 27 -10.68 10.85 -5.83
C ASP B 27 -11.42 11.77 -6.81
N GLU B 28 -11.84 12.93 -6.32
CA GLU B 28 -12.64 13.84 -7.13
CA GLU B 28 -12.61 13.89 -7.09
C GLU B 28 -11.86 14.50 -8.28
N ASP B 29 -10.53 14.49 -8.22
CA ASP B 29 -9.72 15.17 -9.24
C ASP B 29 -9.26 14.28 -10.38
N VAL B 30 -9.37 12.98 -10.18
CA VAL B 30 -8.90 12.03 -11.19
C VAL B 30 -10.00 11.77 -12.23
N HIS B 31 -9.65 11.94 -13.51
CA HIS B 31 -10.61 11.69 -14.58
C HIS B 31 -10.75 10.20 -14.84
N TYR B 32 -9.63 9.53 -15.08
CA TYR B 32 -9.61 8.09 -15.26
C TYR B 32 -8.26 7.52 -14.87
N CYS B 33 -8.27 6.45 -14.09
CA CYS B 33 -7.02 5.77 -13.70
C CYS B 33 -6.88 4.49 -14.54
N SER B 34 -5.80 4.37 -15.31
CA SER B 34 -5.69 3.21 -16.21
C SER B 34 -5.52 1.92 -15.42
N ASN B 35 -5.78 0.79 -16.05
CA ASN B 35 -5.64 -0.48 -15.35
C ASN B 35 -4.19 -0.69 -14.92
N ALA B 36 -3.23 -0.31 -15.77
CA ALA B 36 -1.81 -0.50 -15.41
C ALA B 36 -1.47 0.32 -14.18
N SER B 37 -2.00 1.54 -14.13
CA SER B 37 -1.80 2.40 -12.97
C SER B 37 -2.41 1.81 -11.69
N ALA B 38 -3.62 1.27 -11.81
CA ALA B 38 -4.30 0.63 -10.68
C ALA B 38 -3.44 -0.52 -10.14
N LEU B 39 -2.86 -1.29 -11.06
CA LEU B 39 -2.03 -2.42 -10.65
C LEU B 39 -0.79 -1.92 -9.88
N LEU B 40 -0.16 -0.85 -10.36
CA LEU B 40 1.02 -0.36 -9.67
C LEU B 40 0.63 0.19 -8.30
N ILE B 41 -0.49 0.90 -8.24
CA ILE B 41 -0.97 1.47 -6.99
C ILE B 41 -1.26 0.30 -6.00
N SER B 42 -1.82 -0.79 -6.53
CA SER B 42 -2.09 -1.96 -5.68
C SER B 42 -0.80 -2.57 -5.10
N VAL B 43 0.20 -2.77 -5.95
CA VAL B 43 1.45 -3.35 -5.46
C VAL B 43 2.12 -2.41 -4.47
N ALA B 44 2.06 -1.10 -4.73
CA ALA B 44 2.63 -0.13 -3.80
C ALA B 44 1.96 -0.22 -2.44
N THR B 45 0.66 -0.49 -2.46
CA THR B 45 -0.10 -0.63 -1.22
C THR B 45 0.35 -1.89 -0.44
N GLU B 46 0.62 -2.98 -1.15
CA GLU B 46 1.25 -4.17 -0.53
C GLU B 46 2.54 -3.80 0.17
N LEU B 47 3.39 -3.08 -0.55
CA LEU B 47 4.68 -2.68 0.00
C LEU B 47 4.50 -1.75 1.18
N PHE B 48 3.49 -0.89 1.12
CA PHE B 48 3.20 0.00 2.23
C PHE B 48 2.81 -0.78 3.51
N VAL B 49 1.94 -1.76 3.35
CA VAL B 49 1.51 -2.58 4.49
C VAL B 49 2.72 -3.26 5.11
N GLU B 50 3.57 -3.85 4.28
CA GLU B 50 4.77 -4.51 4.77
C GLU B 50 5.69 -3.56 5.53
N LYS B 51 5.82 -2.34 5.00
CA LYS B 51 6.65 -1.34 5.63
C LYS B 51 6.11 -0.99 6.99
N LEU B 52 4.81 -0.73 7.06
CA LEU B 52 4.19 -0.32 8.32
C LEU B 52 4.26 -1.44 9.36
N ALA B 53 4.03 -2.67 8.92
CA ALA B 53 4.08 -3.81 9.85
C ALA B 53 5.47 -3.99 10.42
N THR B 54 6.48 -3.87 9.55
CA THR B 54 7.88 -3.99 9.93
C THR B 54 8.29 -2.94 10.96
N GLU B 55 7.91 -1.69 10.73
CA GLU B 55 8.25 -0.63 11.66
C GLU B 55 7.55 -0.82 13.00
N ALA B 56 6.30 -1.27 12.95
CA ALA B 56 5.52 -1.49 14.16
C ALA B 56 6.08 -2.68 14.94
N TYR B 57 6.50 -3.71 14.22
CA TYR B 57 7.13 -4.87 14.90
C TYR B 57 8.46 -4.52 15.55
N GLN B 58 9.26 -3.69 14.89
CA GLN B 58 10.53 -3.24 15.46
C GLN B 58 10.33 -2.57 16.82
N LEU B 59 9.27 -1.78 16.96
CA LEU B 59 8.98 -1.16 18.26
C LEU B 59 8.53 -2.19 19.29
N ALA B 60 7.75 -3.17 18.85
CA ALA B 60 7.35 -4.27 19.73
C ALA B 60 8.57 -5.02 20.23
N LYS B 61 9.55 -5.21 19.35
CA LYS B 61 10.74 -5.96 19.67
C LYS B 61 11.60 -5.26 20.73
N LEU B 62 11.65 -3.92 20.65
CA LEU B 62 12.42 -3.15 21.62
C LEU B 62 11.85 -3.34 23.03
N GLN B 63 10.54 -3.55 23.11
CA GLN B 63 9.91 -3.82 24.38
C GLN B 63 9.80 -5.33 24.65
N LYS B 64 10.69 -6.10 24.03
CA LYS B 64 10.81 -7.54 24.25
C LYS B 64 9.54 -8.32 23.96
N ARG B 65 8.67 -7.76 23.12
CA ARG B 65 7.43 -8.43 22.77
C ARG B 65 7.52 -9.13 21.42
N LYS B 66 6.67 -10.12 21.20
CA LYS B 66 6.72 -10.91 19.97
C LYS B 66 5.58 -10.53 19.02
N GLY B 67 4.67 -9.68 19.48
CA GLY B 67 3.53 -9.27 18.68
C GLY B 67 3.35 -7.78 18.52
N ILE B 68 2.67 -7.39 17.44
CA ILE B 68 2.32 -5.99 17.21
C ILE B 68 1.08 -5.59 18.02
N ARG B 69 1.21 -4.49 18.76
CA ARG B 69 0.04 -3.94 19.44
C ARG B 69 -0.41 -2.64 18.76
N TYR B 70 -1.61 -2.16 19.08
CA TYR B 70 -2.09 -0.91 18.46
C TYR B 70 -1.18 0.28 18.70
N ARG B 71 -0.69 0.40 19.94
CA ARG B 71 0.19 1.48 20.32
C ARG B 71 1.51 1.44 19.54
N ASP B 72 1.91 0.25 19.11
CA ASP B 72 3.08 0.13 18.23
C ASP B 72 2.85 0.82 16.89
N VAL B 73 1.72 0.54 16.27
CA VAL B 73 1.33 1.15 14.99
C VAL B 73 1.21 2.66 15.16
N GLU B 74 0.61 3.07 16.28
CA GLU B 74 0.41 4.47 16.59
C GLU B 74 1.74 5.20 16.80
N ASP B 75 2.67 4.57 17.52
CA ASP B 75 3.97 5.17 17.77
C ASP B 75 4.78 5.32 16.49
N VAL B 76 4.60 4.38 15.56
CA VAL B 76 5.20 4.51 14.23
C VAL B 76 4.70 5.77 13.54
N VAL B 77 3.39 5.98 13.54
CA VAL B 77 2.84 7.15 12.85
C VAL B 77 3.27 8.42 13.57
N ARG B 78 3.33 8.35 14.90
CA ARG B 78 3.69 9.48 15.74
CA ARG B 78 3.68 9.49 15.72
C ARG B 78 5.11 9.98 15.47
N LYS B 79 6.02 9.04 15.21
CA LYS B 79 7.45 9.37 15.12
C LYS B 79 8.06 9.43 13.71
N ASP B 80 7.44 8.77 12.75
CA ASP B 80 8.06 8.63 11.42
C ASP B 80 7.43 9.51 10.34
N ASP B 81 8.24 10.41 9.78
CA ASP B 81 7.86 11.36 8.72
C ASP B 81 7.11 10.75 7.54
N GLN B 82 7.53 9.55 7.13
CA GLN B 82 6.92 8.90 5.99
C GLN B 82 5.46 8.59 6.26
N PHE B 83 5.08 8.55 7.52
CA PHE B 83 3.70 8.21 7.89
C PHE B 83 2.89 9.43 8.32
N GLU B 84 3.41 10.61 8.04
CA GLU B 84 2.71 11.86 8.35
C GLU B 84 1.29 11.89 7.78
N PHE B 85 1.08 11.32 6.59
CA PHE B 85 -0.24 11.36 5.97
C PHE B 85 -1.31 10.60 6.76
N LEU B 86 -0.89 9.84 7.77
CA LEU B 86 -1.80 9.05 8.60
C LEU B 86 -2.16 9.77 9.90
N SER B 87 -1.56 10.94 10.13
CA SER B 87 -1.62 11.64 11.43
C SER B 87 -3.06 11.90 11.89
N ASP B 88 -3.94 12.23 10.95
CA ASP B 88 -5.37 12.44 11.24
C ASP B 88 -6.10 11.14 11.61
N LEU B 89 -5.85 10.06 10.88
CA LEU B 89 -6.48 8.76 11.18
C LEU B 89 -6.18 8.28 12.60
N PHE B 90 -5.00 8.59 13.12
CA PHE B 90 -4.60 8.17 14.45
C PHE B 90 -4.79 9.26 15.49
N SER B 91 -5.35 10.40 15.05
CA SER B 91 -5.69 11.50 15.94
C SER B 91 -4.52 11.93 16.82
N ILE B 92 -3.34 12.03 16.22
CA ILE B 92 -2.14 12.41 16.95
C ILE B 92 -1.79 13.87 16.68
C1 GOL C . 10.28 6.16 -10.73
O1 GOL C . 10.16 6.47 -9.34
C2 GOL C . 11.10 7.15 -11.57
O2 GOL C . 11.38 8.33 -10.84
C3 GOL C . 10.33 7.54 -12.85
O3 GOL C . 10.33 6.47 -13.79
#